data_2F4M
#
_entry.id   2F4M
#
_cell.length_a   98.225
_cell.length_b   52.297
_cell.length_c   82.548
_cell.angle_alpha   90.00
_cell.angle_beta   115.33
_cell.angle_gamma   90.00
#
_symmetry.space_group_name_H-M   'C 1 2 1'
#
loop_
_entity.id
_entity.type
_entity.pdbx_description
1 polymer 'peptide N-glycanase'
2 polymer 'UV excision repair protein RAD23 homolog B'
3 non-polymer 'ZINC ION'
4 non-polymer 'CHLORIDE ION'
5 water water
#
loop_
_entity_poly.entity_id
_entity_poly.type
_entity_poly.pdbx_seq_one_letter_code
_entity_poly.pdbx_strand_id
1 'polypeptide(L)'
;GDSTILKVLQSNIQHVQLYENPVLQEKALTCIPVSELKRKAQEKLFRARKLDKGTNVSDEDFLLLELLHWFKEEFFRWVN
NIVCSKCGGETRSRDEALLPNDDELKWGAKNVENHYCDACQLSNRFPRYNNPEKLLETRCGRCGEWANCFTLCCRALGFE
ARYVWDYTDHVWTEVYSPSQQRWLHCDACEDVCDKPLLYEIGWGKKLSYIIAFSKDEVVDVTWRYSCKHDEVMSRRTKVK
EELLRETINGLNKQRQLSLSESRRKELLQRIIVELVEFISPKTPRPGLEHHHHHH
;
A
2 'polypeptide(L)' GHPLEFLRNQPQFQQMRQIIQQNPSLLPALLQQIGRENPQLLQQISQHQEHFIQMLNEPVG B
#
loop_
_chem_comp.id
_chem_comp.type
_chem_comp.name
_chem_comp.formula
CL non-polymer 'CHLORIDE ION' 'Cl -1'
ZN non-polymer 'ZINC ION' 'Zn 2'
#
# COMPACT_ATOMS: atom_id res chain seq x y z
N GLY A 1 -8.53 17.65 12.81
CA GLY A 1 -7.56 17.49 11.68
C GLY A 1 -6.16 18.08 11.90
N ASP A 2 -5.96 18.74 13.05
CA ASP A 2 -4.66 19.33 13.40
C ASP A 2 -3.57 18.30 13.78
N SER A 3 -3.90 17.02 13.91
CA SER A 3 -2.84 16.02 13.95
C SER A 3 -2.20 15.93 12.56
N THR A 4 -0.93 15.57 12.50
CA THR A 4 -0.25 15.51 11.21
C THR A 4 -0.86 14.41 10.34
N ILE A 5 -1.20 13.28 10.96
CA ILE A 5 -1.78 12.15 10.26
C ILE A 5 -3.04 12.51 9.44
N LEU A 6 -3.96 13.25 10.03
CA LEU A 6 -5.17 13.68 9.33
C LEU A 6 -4.83 14.66 8.22
N LYS A 7 -3.86 15.56 8.45
CA LYS A 7 -3.36 16.43 7.36
C LYS A 7 -2.77 15.62 6.19
N VAL A 8 -2.02 14.57 6.49
CA VAL A 8 -1.49 13.77 5.36
C VAL A 8 -2.54 12.94 4.61
N LEU A 9 -3.64 12.54 5.24
CA LEU A 9 -4.75 11.88 4.50
C LEU A 9 -5.22 12.76 3.34
N GLN A 10 -5.53 14.01 3.65
CA GLN A 10 -5.94 15.00 2.68
C GLN A 10 -4.92 15.21 1.54
N SER A 11 -3.64 15.33 1.89
CA SER A 11 -2.58 15.54 0.88
C SER A 11 -2.46 14.33 -0.04
N ASN A 12 -2.50 13.15 0.56
CA ASN A 12 -2.33 11.93 -0.22
C ASN A 12 -3.59 11.64 -1.10
N ILE A 13 -4.79 11.95 -0.59
CA ILE A 13 -6.02 11.85 -1.42
C ILE A 13 -5.87 12.68 -2.70
N GLN A 14 -5.49 13.95 -2.55
CA GLN A 14 -5.19 14.83 -3.67
C GLN A 14 -4.14 14.21 -4.59
N HIS A 15 -2.99 13.87 -4.01
CA HIS A 15 -1.84 13.40 -4.78
C HIS A 15 -2.19 12.24 -5.74
N VAL A 16 -2.96 11.30 -5.21
CA VAL A 16 -3.36 10.08 -5.90
C VAL A 16 -4.26 10.31 -7.13
N GLN A 17 -4.98 11.42 -7.08
CA GLN A 17 -5.80 11.83 -8.21
C GLN A 17 -4.92 12.11 -9.44
N LEU A 18 -3.66 12.47 -9.21
CA LEU A 18 -2.69 12.75 -10.30
C LEU A 18 -2.50 11.56 -11.25
N TYR A 19 -2.60 10.33 -10.74
CA TYR A 19 -2.38 9.15 -11.55
C TYR A 19 -3.53 8.94 -12.56
N GLU A 20 -4.63 9.69 -12.39
CA GLU A 20 -5.84 9.53 -13.21
C GLU A 20 -5.84 10.41 -14.44
N ASN A 21 -4.79 11.19 -14.65
CA ASN A 21 -4.75 12.07 -15.83
C ASN A 21 -4.42 11.14 -16.97
N PRO A 22 -5.28 11.09 -18.00
CA PRO A 22 -5.01 10.09 -19.02
C PRO A 22 -3.80 10.45 -19.92
N VAL A 23 -3.40 11.73 -19.93
CA VAL A 23 -2.20 12.13 -20.70
C VAL A 23 -0.95 11.75 -19.92
N LEU A 24 -1.00 11.97 -18.62
CA LEU A 24 0.07 11.49 -17.76
C LEU A 24 0.17 9.97 -17.89
N GLN A 25 -0.99 9.30 -17.98
CA GLN A 25 -0.98 7.84 -18.13
C GLN A 25 -0.34 7.45 -19.46
N GLU A 26 -0.73 8.14 -20.53
CA GLU A 26 -0.13 7.98 -21.86
C GLU A 26 1.37 8.07 -21.80
N LYS A 27 1.83 9.23 -21.32
CA LYS A 27 3.26 9.48 -21.15
C LYS A 27 3.93 8.40 -20.30
N ALA A 28 3.29 7.95 -19.23
CA ALA A 28 3.89 6.87 -18.49
C ALA A 28 4.13 5.70 -19.44
N LEU A 29 3.09 5.26 -20.17
CA LEU A 29 3.25 4.17 -21.14
C LEU A 29 4.26 4.53 -22.25
N THR A 30 4.41 5.80 -22.57
CA THR A 30 5.51 6.20 -23.49
C THR A 30 6.85 5.60 -23.01
N CYS A 31 6.97 5.34 -21.69
CA CYS A 31 8.22 4.84 -21.08
C CYS A 31 8.33 3.33 -20.86
N ILE A 32 7.20 2.64 -20.72
CA ILE A 32 7.20 1.21 -20.30
C ILE A 32 7.28 0.37 -21.58
N PRO A 33 8.12 -0.68 -21.62
CA PRO A 33 8.04 -1.63 -22.72
C PRO A 33 6.83 -2.59 -22.58
N VAL A 34 5.61 -2.09 -22.72
CA VAL A 34 4.43 -2.85 -22.25
C VAL A 34 4.16 -4.19 -22.96
N SER A 35 4.53 -4.29 -24.23
CA SER A 35 4.28 -5.50 -24.98
C SER A 35 5.19 -6.65 -24.49
N GLU A 36 6.51 -6.33 -24.37
CA GLU A 36 7.48 -7.31 -23.90
C GLU A 36 7.19 -7.74 -22.47
N LEU A 37 6.70 -6.83 -21.64
CA LEU A 37 6.33 -7.19 -20.27
C LEU A 37 5.18 -8.19 -20.31
N LYS A 38 4.28 -7.97 -21.33
CA LYS A 38 3.11 -8.82 -21.46
C LYS A 38 3.44 -10.13 -22.21
N ARG A 39 4.47 -10.11 -23.05
CA ARG A 39 4.86 -11.31 -23.78
C ARG A 39 5.57 -12.31 -22.86
N LYS A 40 6.43 -11.78 -21.97
CA LYS A 40 7.06 -12.58 -20.91
C LYS A 40 6.05 -13.14 -19.90
N ALA A 41 4.98 -12.39 -19.64
CA ALA A 41 3.96 -12.81 -18.65
C ALA A 41 3.12 -13.97 -19.22
N GLN A 42 2.78 -13.86 -20.51
CA GLN A 42 2.10 -14.95 -21.22
C GLN A 42 2.90 -16.25 -21.18
N GLU A 43 4.22 -16.15 -21.34
CA GLU A 43 5.08 -17.33 -21.33
C GLU A 43 5.13 -18.03 -19.97
N LYS A 44 5.24 -17.28 -18.89
CA LYS A 44 5.24 -17.90 -17.56
C LYS A 44 3.90 -18.53 -17.19
N LEU A 45 2.81 -17.88 -17.61
CA LEU A 45 1.49 -18.47 -17.49
C LEU A 45 1.36 -19.74 -18.36
N PHE A 46 1.89 -19.71 -19.58
CA PHE A 46 1.89 -20.93 -20.44
C PHE A 46 2.48 -22.14 -19.70
N ARG A 47 3.66 -21.97 -19.10
CA ARG A 47 4.37 -23.08 -18.47
C ARG A 47 3.85 -23.41 -17.07
N ALA A 48 3.39 -22.39 -16.35
CA ALA A 48 2.69 -22.61 -15.08
C ALA A 48 1.47 -23.50 -15.30
N ARG A 49 0.78 -23.27 -16.42
CA ARG A 49 -0.47 -23.95 -16.73
C ARG A 49 -0.28 -25.37 -17.31
N LYS A 50 0.95 -25.76 -17.60
CA LYS A 50 1.24 -27.12 -18.07
C LYS A 50 1.02 -28.10 -16.92
N LEU A 51 1.72 -27.86 -15.81
CA LEU A 51 1.43 -28.56 -14.55
C LEU A 51 0.27 -27.85 -13.85
N ASP A 52 -0.90 -28.50 -13.87
CA ASP A 52 -2.13 -27.95 -13.31
C ASP A 52 -2.02 -27.75 -11.79
N LYS A 53 -1.00 -28.33 -11.17
CA LYS A 53 -0.58 -27.92 -9.83
C LYS A 53 -0.80 -26.41 -9.68
N GLY A 54 -0.44 -25.65 -10.72
CA GLY A 54 -0.81 -24.24 -10.84
C GLY A 54 -2.30 -24.04 -11.05
N THR A 55 -2.98 -23.61 -9.99
CA THR A 55 -4.44 -23.53 -9.97
C THR A 55 -4.91 -22.06 -10.08
N ASN A 56 -6.22 -21.87 -10.05
CA ASN A 56 -6.85 -20.55 -10.27
C ASN A 56 -6.36 -19.98 -11.61
N VAL A 57 -5.56 -18.91 -11.63
CA VAL A 57 -4.76 -18.60 -12.84
C VAL A 57 -3.50 -17.83 -12.49
N SER A 58 -3.65 -16.51 -12.28
CA SER A 58 -2.55 -15.59 -12.29
C SER A 58 -2.29 -15.34 -13.77
N ASP A 59 -2.30 -14.09 -14.20
CA ASP A 59 -2.13 -13.72 -15.60
C ASP A 59 -1.76 -12.24 -15.68
N GLU A 60 -2.69 -11.38 -15.28
CA GLU A 60 -2.33 -9.99 -15.03
C GLU A 60 -1.49 -9.96 -13.76
N ASP A 61 -1.63 -11.00 -12.93
CA ASP A 61 -0.70 -11.28 -11.82
C ASP A 61 0.75 -11.57 -12.29
N PHE A 62 0.89 -12.42 -13.29
CA PHE A 62 2.22 -12.59 -13.92
C PHE A 62 2.77 -11.27 -14.47
N LEU A 63 1.91 -10.49 -15.12
CA LEU A 63 2.31 -9.18 -15.67
C LEU A 63 2.82 -8.27 -14.56
N LEU A 64 2.10 -8.25 -13.46
CA LEU A 64 2.54 -7.45 -12.33
C LEU A 64 3.99 -7.78 -11.93
N LEU A 65 4.32 -9.06 -11.89
CA LEU A 65 5.68 -9.45 -11.47
C LEU A 65 6.77 -9.01 -12.50
N GLU A 66 6.36 -8.90 -13.76
CA GLU A 66 7.26 -8.39 -14.81
C GLU A 66 7.53 -6.87 -14.65
N LEU A 67 6.50 -6.14 -14.18
CA LEU A 67 6.60 -4.69 -13.98
C LEU A 67 7.57 -4.38 -12.87
N LEU A 68 7.37 -5.04 -11.72
CA LEU A 68 8.24 -4.90 -10.57
C LEU A 68 9.69 -5.13 -10.97
N HIS A 69 9.91 -6.23 -11.69
CA HIS A 69 11.28 -6.59 -12.10
C HIS A 69 11.96 -5.53 -12.98
N TRP A 70 11.28 -5.12 -14.06
CA TRP A 70 11.82 -4.12 -14.99
C TRP A 70 12.10 -2.78 -14.32
N PHE A 71 11.14 -2.30 -13.53
CA PHE A 71 11.27 -1.01 -12.87
C PHE A 71 12.58 -0.97 -12.12
N LYS A 72 12.86 -2.06 -11.42
CA LYS A 72 14.04 -2.23 -10.58
C LYS A 72 15.35 -2.39 -11.34
N GLU A 73 15.30 -3.08 -12.48
CA GLU A 73 16.52 -3.48 -13.18
C GLU A 73 16.82 -2.64 -14.42
N GLU A 74 15.79 -2.07 -15.04
CA GLU A 74 15.96 -1.24 -16.22
C GLU A 74 15.65 0.25 -15.97
N PHE A 75 14.56 0.56 -15.25
CA PHE A 75 14.01 1.93 -15.29
C PHE A 75 14.65 2.95 -14.33
N PHE A 76 14.64 2.60 -13.05
CA PHE A 76 14.87 3.55 -11.97
C PHE A 76 16.17 3.23 -11.23
N ARG A 77 16.86 4.28 -10.76
CA ARG A 77 18.08 4.12 -9.98
C ARG A 77 17.93 4.73 -8.59
N TRP A 78 18.68 4.16 -7.65
CA TRP A 78 18.81 4.65 -6.30
C TRP A 78 19.83 5.79 -6.19
N VAL A 79 19.50 6.76 -5.34
CA VAL A 79 20.38 7.90 -5.02
C VAL A 79 20.76 7.83 -3.55
N ASN A 80 22.05 7.81 -3.25
CA ASN A 80 22.49 8.11 -1.88
C ASN A 80 23.01 9.52 -1.88
N ASN A 81 24.20 9.74 -2.48
CA ASN A 81 24.67 11.06 -2.86
C ASN A 81 24.95 11.11 -4.36
N ILE A 82 24.50 12.19 -5.01
CA ILE A 82 24.77 12.37 -6.44
C ILE A 82 26.28 12.63 -6.67
N VAL A 83 26.76 12.24 -7.84
CA VAL A 83 28.13 12.57 -8.25
C VAL A 83 28.31 14.09 -8.39
N CYS A 84 29.55 14.57 -8.25
CA CYS A 84 29.82 15.97 -8.50
C CYS A 84 29.71 16.30 -9.98
N SER A 85 29.02 17.39 -10.28
CA SER A 85 28.79 17.86 -11.64
C SER A 85 30.03 18.44 -12.33
N LYS A 86 31.05 18.84 -11.56
CA LYS A 86 32.28 19.42 -12.11
C LYS A 86 33.34 18.33 -12.28
N CYS A 87 33.55 17.49 -11.26
CA CYS A 87 34.65 16.51 -11.31
C CYS A 87 34.25 15.03 -11.34
N GLY A 88 32.94 14.75 -11.25
CA GLY A 88 32.42 13.37 -11.23
C GLY A 88 32.62 12.59 -9.94
N GLY A 89 33.30 13.17 -8.95
CA GLY A 89 33.63 12.48 -7.70
C GLY A 89 32.47 12.35 -6.72
N GLU A 90 32.75 11.75 -5.58
CA GLU A 90 31.79 11.56 -4.49
C GLU A 90 31.43 12.90 -3.87
N THR A 91 30.20 12.98 -3.34
CA THR A 91 29.72 14.12 -2.59
C THR A 91 29.21 13.66 -1.23
N ARG A 92 28.98 14.61 -0.34
CA ARG A 92 28.53 14.32 1.00
C ARG A 92 27.40 15.27 1.36
N SER A 93 26.45 14.76 2.12
CA SER A 93 25.29 15.53 2.51
C SER A 93 25.68 16.68 3.44
N ARG A 94 25.14 17.86 3.18
CA ARG A 94 25.18 18.94 4.14
C ARG A 94 23.90 18.79 4.96
N ASP A 95 24.01 18.92 6.28
CA ASP A 95 22.85 18.78 7.13
C ASP A 95 21.85 19.90 6.85
N GLU A 96 22.36 21.07 6.47
CA GLU A 96 21.54 22.23 6.12
C GLU A 96 21.10 22.19 4.65
N ALA A 97 19.78 22.07 4.46
CA ALA A 97 19.21 21.88 3.13
C ALA A 97 19.31 23.16 2.28
N LEU A 98 19.09 23.00 0.98
CA LEU A 98 19.11 24.10 0.02
C LEU A 98 17.68 24.60 -0.17
N LEU A 99 17.53 25.74 -0.86
CA LEU A 99 16.21 26.32 -1.10
C LEU A 99 15.79 26.19 -2.58
N PRO A 100 14.59 25.62 -2.85
CA PRO A 100 14.08 25.29 -4.19
C PRO A 100 14.01 26.46 -5.19
N ASN A 101 15.13 26.79 -5.81
CA ASN A 101 15.21 27.94 -6.70
C ASN A 101 13.87 28.43 -7.25
N ASP A 102 13.21 27.61 -8.05
CA ASP A 102 11.97 28.01 -8.73
C ASP A 102 11.46 26.88 -9.61
N ASP A 103 12.37 26.30 -10.39
CA ASP A 103 12.05 25.15 -11.24
C ASP A 103 11.86 23.92 -10.39
N GLU A 104 12.52 23.90 -9.24
CA GLU A 104 12.38 22.83 -8.27
C GLU A 104 11.04 22.94 -7.53
N LEU A 105 10.50 24.15 -7.42
CA LEU A 105 9.14 24.34 -6.93
C LEU A 105 8.10 23.90 -7.96
N LYS A 106 8.36 24.18 -9.23
CA LYS A 106 7.43 23.79 -10.31
C LYS A 106 7.11 22.30 -10.35
N TRP A 107 8.09 21.48 -9.98
CA TRP A 107 7.99 20.02 -10.01
C TRP A 107 7.79 19.37 -8.64
N GLY A 108 7.31 20.16 -7.67
CA GLY A 108 6.89 19.62 -6.38
C GLY A 108 7.97 19.38 -5.34
N ALA A 109 9.22 19.77 -5.62
CA ALA A 109 10.29 19.70 -4.62
C ALA A 109 10.13 20.81 -3.57
N LYS A 110 9.83 20.37 -2.35
CA LYS A 110 9.88 21.21 -1.15
C LYS A 110 11.23 21.10 -0.45
N ASN A 111 11.84 19.91 -0.53
CA ASN A 111 13.17 19.66 0.02
C ASN A 111 14.20 19.55 -1.11
N VAL A 112 15.34 20.25 -0.95
CA VAL A 112 16.49 20.13 -1.85
C VAL A 112 17.73 19.90 -0.98
N GLU A 113 18.43 18.79 -1.24
CA GLU A 113 19.60 18.43 -0.48
C GLU A 113 20.86 19.05 -1.10
N ASN A 114 21.81 19.42 -0.26
CA ASN A 114 23.11 19.92 -0.69
C ASN A 114 24.08 18.75 -0.63
N HIS A 115 24.44 18.26 -1.81
CA HIS A 115 25.43 17.20 -1.97
C HIS A 115 26.78 17.90 -2.34
N TYR A 116 27.61 18.13 -1.33
CA TYR A 116 28.79 18.99 -1.46
C TYR A 116 30.05 18.24 -1.90
N CYS A 117 30.76 18.78 -2.90
CA CYS A 117 32.11 18.34 -3.25
C CYS A 117 33.21 19.19 -2.59
N ASP A 118 33.98 18.60 -1.69
CA ASP A 118 35.08 19.31 -1.02
C ASP A 118 36.22 19.69 -1.96
N ALA A 119 36.53 18.80 -2.90
CA ALA A 119 37.63 18.99 -3.84
C ALA A 119 37.36 20.20 -4.73
N CYS A 120 36.12 20.29 -5.23
CA CYS A 120 35.74 21.41 -6.09
C CYS A 120 35.24 22.59 -5.31
N GLN A 121 35.06 22.41 -3.99
CA GLN A 121 34.36 23.40 -3.14
C GLN A 121 33.01 23.81 -3.79
N LEU A 122 32.23 22.79 -4.14
CA LEU A 122 31.01 22.92 -4.95
C LEU A 122 29.77 22.16 -4.39
N SER A 123 28.69 22.92 -4.20
CA SER A 123 27.36 22.41 -3.93
C SER A 123 26.76 21.81 -5.19
N ASN A 124 26.34 20.55 -5.09
CA ASN A 124 25.50 19.88 -6.09
C ASN A 124 24.07 19.64 -5.54
N ARG A 125 23.06 20.02 -6.31
CA ARG A 125 21.67 20.01 -5.83
C ARG A 125 20.96 18.66 -6.04
N PHE A 126 20.34 18.11 -5.00
CA PHE A 126 19.46 16.94 -5.17
C PHE A 126 18.04 17.34 -4.72
N PRO A 127 17.21 17.75 -5.69
CA PRO A 127 15.79 17.97 -5.41
C PRO A 127 14.99 16.67 -5.16
N ARG A 128 14.07 16.77 -4.20
CA ARG A 128 13.15 15.68 -3.89
C ARG A 128 11.80 15.94 -4.58
N TYR A 129 11.72 15.49 -5.84
CA TYR A 129 10.57 15.80 -6.69
C TYR A 129 9.37 14.94 -6.30
N ASN A 130 8.23 15.60 -6.29
CA ASN A 130 7.00 15.00 -5.84
C ASN A 130 6.01 14.83 -7.01
N ASN A 131 6.24 15.54 -8.11
CA ASN A 131 5.45 15.40 -9.33
C ASN A 131 5.92 14.17 -10.11
N PRO A 132 5.07 13.10 -10.19
CA PRO A 132 5.50 11.83 -10.81
C PRO A 132 5.91 11.99 -12.28
N GLU A 133 5.39 13.01 -12.94
CA GLU A 133 5.76 13.30 -14.29
C GLU A 133 7.26 13.65 -14.40
N LYS A 134 7.75 14.48 -13.47
CA LYS A 134 9.19 14.80 -13.37
C LYS A 134 10.06 13.55 -13.18
N LEU A 135 9.56 12.59 -12.41
CA LEU A 135 10.31 11.36 -12.11
C LEU A 135 10.49 10.44 -13.32
N LEU A 136 9.53 10.47 -14.25
CA LEU A 136 9.67 9.77 -15.52
C LEU A 136 10.82 10.34 -16.36
N GLU A 137 11.20 11.60 -16.13
CA GLU A 137 12.45 12.16 -16.73
C GLU A 137 13.69 11.78 -15.90
N THR A 138 13.66 12.01 -14.60
CA THR A 138 14.89 11.94 -13.81
C THR A 138 15.29 10.49 -13.57
N ARG A 139 14.27 9.64 -13.36
CA ARG A 139 14.38 8.18 -13.19
C ARG A 139 15.19 7.74 -11.97
N CYS A 140 15.10 8.51 -10.89
CA CYS A 140 15.91 8.21 -9.73
C CYS A 140 15.41 8.90 -8.49
N GLY A 141 15.88 8.41 -7.36
CA GLY A 141 15.56 8.98 -6.07
C GLY A 141 15.68 7.92 -5.00
N ARG A 142 15.00 8.15 -3.90
CA ARG A 142 14.93 7.17 -2.84
C ARG A 142 13.52 6.60 -2.84
N CYS A 143 13.02 6.00 -1.78
CA CYS A 143 11.79 5.19 -1.96
C CYS A 143 10.50 6.00 -2.17
N GLY A 144 10.49 7.27 -1.75
CA GLY A 144 9.42 8.22 -2.13
C GLY A 144 9.21 8.27 -3.63
N GLU A 145 10.28 8.58 -4.36
CA GLU A 145 10.30 8.67 -5.81
C GLU A 145 9.95 7.33 -6.49
N TRP A 146 10.56 6.24 -6.02
CA TRP A 146 10.25 4.88 -6.52
C TRP A 146 8.74 4.49 -6.42
N ALA A 147 8.15 4.64 -5.23
CA ALA A 147 6.73 4.28 -5.02
C ALA A 147 5.81 5.21 -5.86
N ASN A 148 6.15 6.51 -5.88
CA ASN A 148 5.35 7.51 -6.55
C ASN A 148 5.30 7.10 -8.03
N CYS A 149 6.47 6.99 -8.65
CA CYS A 149 6.50 6.63 -10.07
C CYS A 149 5.93 5.21 -10.37
N PHE A 150 6.26 4.22 -9.55
CA PHE A 150 5.71 2.85 -9.75
C PHE A 150 4.16 2.76 -9.71
N THR A 151 3.54 3.51 -8.80
CA THR A 151 2.08 3.53 -8.71
C THR A 151 1.42 4.16 -9.95
N LEU A 152 1.97 5.27 -10.45
CA LEU A 152 1.55 5.82 -11.75
C LEU A 152 1.58 4.71 -12.83
N CYS A 153 2.69 3.98 -12.92
CA CYS A 153 2.87 2.93 -13.95
C CYS A 153 1.81 1.82 -13.89
N CYS A 154 1.59 1.26 -12.70
CA CYS A 154 0.50 0.30 -12.48
C CYS A 154 -0.85 0.79 -13.03
N ARG A 155 -1.23 2.01 -12.65
CA ARG A 155 -2.48 2.61 -13.14
C ARG A 155 -2.47 2.79 -14.65
N ALA A 156 -1.31 3.18 -15.19
CA ALA A 156 -1.18 3.29 -16.63
C ALA A 156 -1.46 1.96 -17.35
N LEU A 157 -1.12 0.83 -16.74
CA LEU A 157 -1.32 -0.50 -17.36
C LEU A 157 -2.71 -1.09 -17.08
N GLY A 158 -3.52 -0.36 -16.32
CA GLY A 158 -4.91 -0.76 -16.09
C GLY A 158 -5.11 -1.64 -14.85
N PHE A 159 -4.10 -1.67 -13.98
CA PHE A 159 -4.23 -2.25 -12.63
C PHE A 159 -4.92 -1.26 -11.74
N GLU A 160 -5.88 -1.75 -10.97
CA GLU A 160 -6.30 -1.05 -9.77
C GLU A 160 -5.09 -1.03 -8.81
N ALA A 161 -4.82 0.15 -8.21
CA ALA A 161 -3.57 0.39 -7.45
C ALA A 161 -3.74 1.45 -6.38
N ARG A 162 -3.17 1.16 -5.21
CA ARG A 162 -3.12 2.13 -4.08
C ARG A 162 -1.70 2.63 -3.82
N TYR A 163 -1.56 3.89 -3.47
CA TYR A 163 -0.32 4.48 -2.95
C TYR A 163 -0.42 4.26 -1.45
N VAL A 164 0.62 3.63 -0.88
CA VAL A 164 0.56 3.20 0.51
C VAL A 164 1.59 3.98 1.38
N TRP A 165 1.07 4.74 2.34
CA TRP A 165 1.89 5.57 3.25
C TRP A 165 1.98 4.97 4.66
N ASP A 166 3.22 4.72 5.03
CA ASP A 166 3.63 4.25 6.32
C ASP A 166 4.14 5.45 7.13
N TYR A 167 3.51 5.65 8.26
CA TYR A 167 3.86 6.68 9.22
C TYR A 167 5.35 6.70 9.61
N THR A 168 6.01 5.55 9.60
CA THR A 168 7.46 5.45 9.87
C THR A 168 8.39 5.72 8.64
N ASP A 169 7.93 6.57 7.72
CA ASP A 169 8.77 7.09 6.62
C ASP A 169 9.21 6.04 5.61
N HIS A 170 8.25 5.23 5.18
CA HIS A 170 8.40 4.42 3.98
C HIS A 170 7.10 4.54 3.22
N VAL A 171 7.17 4.26 1.92
CA VAL A 171 5.98 4.25 1.05
C VAL A 171 6.12 3.10 0.06
N TRP A 172 4.98 2.57 -0.37
CA TRP A 172 4.94 1.50 -1.36
C TRP A 172 3.59 1.50 -2.11
N THR A 173 3.23 0.36 -2.73
CA THR A 173 2.02 0.23 -3.58
C THR A 173 1.19 -1.04 -3.25
N GLU A 174 -0.10 -1.04 -3.50
CA GLU A 174 -0.89 -2.27 -3.52
C GLU A 174 -1.64 -2.36 -4.83
N VAL A 175 -1.81 -3.57 -5.34
CA VAL A 175 -2.43 -3.85 -6.63
C VAL A 175 -3.46 -5.01 -6.48
N TYR A 176 -4.65 -4.79 -6.98
CA TYR A 176 -5.74 -5.82 -6.96
C TYR A 176 -5.57 -6.97 -7.93
N SER A 177 -5.79 -8.19 -7.41
CA SER A 177 -5.82 -9.44 -8.19
C SER A 177 -7.28 -9.94 -8.32
N PRO A 178 -7.91 -9.65 -9.46
CA PRO A 178 -9.23 -10.28 -9.77
C PRO A 178 -9.20 -11.82 -9.72
N SER A 179 -8.12 -12.42 -10.18
CA SER A 179 -7.91 -13.87 -10.08
C SER A 179 -8.02 -14.40 -8.63
N GLN A 180 -7.31 -13.75 -7.72
CA GLN A 180 -7.26 -14.23 -6.34
C GLN A 180 -8.29 -13.53 -5.46
N GLN A 181 -9.00 -12.59 -6.07
CA GLN A 181 -9.98 -11.72 -5.39
C GLN A 181 -9.46 -11.09 -4.08
N ARG A 182 -8.27 -10.49 -4.16
CA ARG A 182 -7.64 -9.78 -3.04
C ARG A 182 -6.55 -8.78 -3.51
N TRP A 183 -6.22 -7.82 -2.67
CA TRP A 183 -5.14 -6.84 -2.87
C TRP A 183 -3.78 -7.41 -2.54
N LEU A 184 -2.80 -7.07 -3.37
CA LEU A 184 -1.47 -7.56 -3.19
C LEU A 184 -0.47 -6.43 -2.87
N HIS A 185 0.26 -6.63 -1.79
CA HIS A 185 1.41 -5.81 -1.43
C HIS A 185 2.48 -5.86 -2.55
N CYS A 186 2.96 -4.66 -2.94
CA CYS A 186 4.01 -4.45 -3.97
C CYS A 186 5.00 -3.34 -3.52
N ASP A 187 6.28 -3.69 -3.41
CA ASP A 187 7.29 -2.70 -3.06
C ASP A 187 8.33 -2.66 -4.17
N ALA A 188 8.22 -1.65 -5.03
CA ALA A 188 9.14 -1.50 -6.16
C ALA A 188 10.59 -1.22 -5.74
N CYS A 189 10.76 -0.42 -4.71
CA CYS A 189 12.08 -0.07 -4.16
C CYS A 189 12.83 -1.36 -3.75
N GLU A 190 12.08 -2.37 -3.37
CA GLU A 190 12.65 -3.62 -2.85
C GLU A 190 12.48 -4.87 -3.75
N ASP A 191 11.75 -4.75 -4.86
CA ASP A 191 11.38 -5.88 -5.75
C ASP A 191 10.67 -7.02 -5.02
N VAL A 192 9.68 -6.67 -4.22
CA VAL A 192 8.88 -7.65 -3.47
C VAL A 192 7.39 -7.51 -3.77
N CYS A 193 6.71 -8.68 -3.83
CA CYS A 193 5.25 -8.82 -4.00
C CYS A 193 4.63 -9.86 -3.03
N ASP A 194 3.59 -9.45 -2.33
CA ASP A 194 2.74 -10.32 -1.50
C ASP A 194 3.55 -10.88 -0.32
N LYS A 195 4.36 -10.02 0.28
CA LYS A 195 5.13 -10.33 1.50
C LYS A 195 4.95 -9.23 2.55
N PRO A 196 3.70 -9.04 3.01
CA PRO A 196 3.34 -7.86 3.81
C PRO A 196 4.07 -7.78 5.14
N LEU A 197 4.59 -8.92 5.62
CA LEU A 197 5.34 -8.84 6.88
C LEU A 197 6.83 -8.38 6.73
N LEU A 198 7.25 -8.07 5.52
CA LEU A 198 8.63 -7.59 5.27
C LEU A 198 9.08 -6.49 6.27
N TYR A 199 8.22 -5.48 6.54
CA TYR A 199 8.65 -4.34 7.30
C TYR A 199 8.79 -4.64 8.79
N GLU A 200 7.78 -5.32 9.37
CA GLU A 200 7.78 -5.63 10.82
C GLU A 200 8.71 -6.79 11.14
N ILE A 201 8.58 -7.87 10.36
CA ILE A 201 9.30 -9.09 10.62
C ILE A 201 10.66 -9.15 9.89
N GLY A 202 10.75 -8.63 8.67
CA GLY A 202 12.04 -8.52 8.02
C GLY A 202 12.96 -7.36 8.51
N TRP A 203 12.41 -6.15 8.64
CA TRP A 203 13.24 -4.98 9.01
C TRP A 203 13.14 -4.60 10.49
N GLY A 204 12.30 -5.30 11.23
CA GLY A 204 12.05 -5.01 12.64
C GLY A 204 11.46 -3.62 12.90
N LYS A 205 10.73 -3.08 11.95
CA LYS A 205 10.06 -1.80 12.13
C LYS A 205 8.95 -1.89 13.18
N LYS A 206 8.84 -0.82 13.96
CA LYS A 206 7.76 -0.67 14.95
C LYS A 206 6.70 0.24 14.28
N LEU A 207 5.69 -0.42 13.70
CA LEU A 207 4.62 0.20 12.87
C LEU A 207 3.53 0.78 13.76
N SER A 208 2.82 1.77 13.23
CA SER A 208 1.69 2.35 13.92
C SER A 208 0.46 2.46 12.97
N TYR A 209 0.61 3.32 11.94
CA TYR A 209 -0.37 3.61 10.91
C TYR A 209 0.22 3.44 9.51
N ILE A 210 -0.48 2.63 8.72
CA ILE A 210 -0.29 2.48 7.30
C ILE A 210 -1.64 2.70 6.60
N ILE A 211 -1.68 3.72 5.76
CA ILE A 211 -2.92 4.12 5.09
C ILE A 211 -2.71 4.03 3.56
N ALA A 212 -3.64 3.33 2.88
CA ALA A 212 -3.70 3.22 1.45
C ALA A 212 -4.69 4.17 0.80
N PHE A 213 -4.29 4.65 -0.36
CA PHE A 213 -4.97 5.73 -1.06
C PHE A 213 -5.14 5.32 -2.53
N SER A 214 -6.37 5.40 -3.02
CA SER A 214 -6.66 5.11 -4.43
C SER A 214 -7.69 6.09 -4.94
N LYS A 215 -7.98 5.99 -6.23
CA LYS A 215 -9.02 6.76 -6.85
C LYS A 215 -10.40 6.53 -6.17
N ASP A 216 -10.60 5.31 -5.67
CA ASP A 216 -11.90 4.87 -5.12
C ASP A 216 -12.04 4.91 -3.59
N GLU A 217 -10.92 4.74 -2.88
CA GLU A 217 -10.94 4.33 -1.48
C GLU A 217 -9.78 4.94 -0.68
N VAL A 218 -10.05 5.26 0.57
CA VAL A 218 -8.98 5.40 1.58
C VAL A 218 -9.22 4.23 2.54
N VAL A 219 -8.14 3.49 2.85
CA VAL A 219 -8.22 2.29 3.66
C VAL A 219 -7.06 2.23 4.68
N ASP A 220 -7.43 1.99 5.94
CA ASP A 220 -6.44 1.71 6.96
C ASP A 220 -6.05 0.21 6.83
N VAL A 221 -4.90 0.00 6.19
CA VAL A 221 -4.38 -1.33 5.83
C VAL A 221 -3.29 -1.79 6.81
N THR A 222 -3.14 -1.06 7.90
CA THR A 222 -2.14 -1.39 8.94
C THR A 222 -2.01 -2.88 9.23
N TRP A 223 -3.18 -3.53 9.39
CA TRP A 223 -3.32 -4.82 10.01
C TRP A 223 -2.83 -5.95 9.06
N ARG A 224 -2.83 -5.65 7.77
CA ARG A 224 -2.22 -6.53 6.77
C ARG A 224 -0.70 -6.65 7.00
N TYR A 225 -0.04 -5.60 7.55
CA TYR A 225 1.43 -5.50 7.60
C TYR A 225 1.97 -5.81 9.02
N SER A 226 1.12 -6.42 9.83
CA SER A 226 1.54 -6.75 11.20
C SER A 226 0.95 -8.08 11.66
N CYS A 227 1.72 -8.81 12.46
CA CYS A 227 1.18 -9.92 13.23
C CYS A 227 1.30 -9.64 14.74
N LYS A 228 1.53 -8.39 15.10
CA LYS A 228 1.72 -8.00 16.49
C LYS A 228 0.80 -6.84 16.77
N HIS A 229 -0.49 -7.13 16.67
CA HIS A 229 -1.54 -6.11 16.62
C HIS A 229 -1.61 -5.30 17.91
N ASP A 230 -1.43 -5.96 19.05
CA ASP A 230 -1.35 -5.29 20.36
C ASP A 230 -0.19 -4.27 20.45
N GLU A 231 0.97 -4.67 19.95
CA GLU A 231 2.14 -3.81 19.93
C GLU A 231 1.97 -2.57 19.04
N VAL A 232 1.41 -2.77 17.86
CA VAL A 232 1.08 -1.69 16.93
C VAL A 232 0.06 -0.74 17.62
N MET A 233 -0.96 -1.31 18.26
CA MET A 233 -1.95 -0.50 19.04
C MET A 233 -1.24 0.39 20.08
N SER A 234 -0.16 -0.09 20.70
CA SER A 234 0.56 0.72 21.71
C SER A 234 1.27 1.97 21.15
N ARG A 235 1.51 1.98 19.85
CA ARG A 235 2.11 3.12 19.18
C ARG A 235 1.10 3.99 18.43
N ARG A 236 -0.18 3.65 18.49
CA ARG A 236 -1.21 4.38 17.78
C ARG A 236 -1.73 5.44 18.77
N THR A 237 -0.86 6.43 19.02
CA THR A 237 -1.09 7.47 20.04
C THR A 237 -1.27 8.85 19.43
N LYS A 238 -1.44 8.91 18.11
CA LYS A 238 -1.40 10.16 17.37
C LYS A 238 -2.79 10.74 17.15
N VAL A 239 -3.80 9.88 17.19
CA VAL A 239 -5.19 10.26 16.97
C VAL A 239 -6.13 9.23 17.61
N LYS A 240 -7.36 9.64 17.94
CA LYS A 240 -8.38 8.70 18.43
C LYS A 240 -8.80 7.76 17.29
N GLU A 241 -8.99 6.48 17.57
CA GLU A 241 -9.38 5.47 16.53
C GLU A 241 -10.70 5.83 15.92
N GLU A 242 -11.61 6.29 16.81
CA GLU A 242 -12.93 6.83 16.45
C GLU A 242 -12.82 7.87 15.38
N LEU A 243 -11.92 8.83 15.62
CA LEU A 243 -11.80 10.00 14.75
C LEU A 243 -11.14 9.62 13.46
N LEU A 244 -10.13 8.77 13.55
CA LEU A 244 -9.50 8.26 12.35
C LEU A 244 -10.53 7.51 11.49
N ARG A 245 -11.33 6.67 12.13
CA ARG A 245 -12.26 5.88 11.28
C ARG A 245 -13.40 6.67 10.72
N GLU A 246 -13.92 7.62 11.50
CA GLU A 246 -14.95 8.51 11.01
C GLU A 246 -14.44 9.37 9.86
N THR A 247 -13.18 9.79 9.93
CA THR A 247 -12.58 10.64 8.90
C THR A 247 -12.43 9.87 7.61
N ILE A 248 -11.92 8.64 7.71
CA ILE A 248 -11.80 7.78 6.57
C ILE A 248 -13.21 7.40 6.00
N ASN A 249 -14.14 7.03 6.89
CA ASN A 249 -15.53 6.71 6.47
C ASN A 249 -16.18 7.88 5.73
N GLY A 250 -16.13 9.05 6.35
CA GLY A 250 -16.54 10.30 5.72
C GLY A 250 -15.97 10.51 4.33
N LEU A 251 -14.66 10.33 4.20
CA LEU A 251 -13.91 10.51 2.93
C LEU A 251 -14.31 9.49 1.85
N ASN A 252 -14.48 8.24 2.26
CA ASN A 252 -15.02 7.22 1.39
C ASN A 252 -16.43 7.54 0.92
N LYS A 253 -17.32 7.81 1.87
CA LYS A 253 -18.74 8.11 1.53
C LYS A 253 -18.79 9.29 0.56
N GLN A 254 -18.07 10.36 0.89
CA GLN A 254 -17.97 11.58 0.06
C GLN A 254 -17.48 11.29 -1.34
N ARG A 255 -16.34 10.61 -1.42
CA ARG A 255 -15.68 10.33 -2.67
C ARG A 255 -16.37 9.22 -3.48
N GLN A 256 -17.17 8.36 -2.84
CA GLN A 256 -17.84 7.28 -3.56
C GLN A 256 -19.23 7.66 -4.07
N LEU A 257 -19.77 8.77 -3.58
CA LEU A 257 -21.00 9.36 -4.13
C LEU A 257 -21.03 9.42 -5.67
N SER A 258 -19.86 9.60 -6.31
CA SER A 258 -19.81 9.67 -7.77
C SER A 258 -19.28 8.40 -8.47
N LEU A 259 -19.50 7.25 -7.85
CA LEU A 259 -19.35 5.93 -8.49
C LEU A 259 -20.75 5.33 -8.63
N SER A 260 -20.88 4.25 -9.42
CA SER A 260 -22.19 3.59 -9.61
C SER A 260 -22.62 2.75 -8.41
N GLU A 261 -23.90 2.36 -8.42
CA GLU A 261 -24.45 1.41 -7.45
C GLU A 261 -23.71 0.08 -7.50
N SER A 262 -23.58 -0.49 -8.69
CA SER A 262 -22.91 -1.79 -8.83
C SER A 262 -21.46 -1.76 -8.34
N ARG A 263 -20.78 -0.66 -8.61
CA ARG A 263 -19.38 -0.49 -8.23
C ARG A 263 -19.23 -0.37 -6.71
N ARG A 264 -20.06 0.46 -6.09
CA ARG A 264 -20.12 0.56 -4.62
C ARG A 264 -20.42 -0.79 -3.92
N LYS A 265 -21.33 -1.56 -4.52
CA LYS A 265 -21.72 -2.89 -4.09
C LYS A 265 -20.51 -3.82 -4.16
N GLU A 266 -19.80 -3.79 -5.30
CA GLU A 266 -18.54 -4.57 -5.43
C GLU A 266 -17.52 -4.22 -4.37
N LEU A 267 -17.33 -2.93 -4.11
CA LEU A 267 -16.38 -2.45 -3.12
C LEU A 267 -16.68 -2.95 -1.71
N LEU A 268 -17.96 -3.04 -1.40
CA LEU A 268 -18.46 -3.61 -0.14
C LEU A 268 -18.20 -5.10 0.02
N GLN A 269 -18.43 -5.85 -1.06
CA GLN A 269 -18.15 -7.30 -1.05
C GLN A 269 -16.66 -7.55 -0.89
N ARG A 270 -15.82 -6.73 -1.57
CA ARG A 270 -14.37 -6.83 -1.40
C ARG A 270 -13.92 -6.47 -0.02
N ILE A 271 -14.46 -5.40 0.58
CA ILE A 271 -14.01 -4.96 1.90
C ILE A 271 -14.15 -6.07 2.99
N ILE A 272 -15.07 -7.01 2.80
CA ILE A 272 -15.30 -8.14 3.70
C ILE A 272 -14.01 -8.97 3.73
N VAL A 273 -13.48 -9.25 2.55
CA VAL A 273 -12.20 -9.96 2.43
C VAL A 273 -11.06 -9.27 3.22
N GLU A 274 -10.86 -7.96 3.06
CA GLU A 274 -9.84 -7.24 3.81
C GLU A 274 -10.03 -7.28 5.26
N LEU A 275 -11.28 -7.04 5.72
CA LEU A 275 -11.53 -6.93 7.14
C LEU A 275 -11.34 -8.28 7.83
N VAL A 276 -11.69 -9.37 7.14
CA VAL A 276 -11.45 -10.72 7.67
C VAL A 276 -9.90 -10.94 7.78
N GLU A 277 -9.14 -10.56 6.75
CA GLU A 277 -7.66 -10.56 6.84
C GLU A 277 -7.14 -9.78 8.05
N PHE A 278 -7.74 -8.62 8.33
CA PHE A 278 -7.28 -7.75 9.40
C PHE A 278 -7.51 -8.34 10.80
N ILE A 279 -8.45 -9.31 10.90
CA ILE A 279 -8.69 -10.03 12.18
C ILE A 279 -8.08 -11.43 12.11
N SER A 280 -7.18 -11.63 11.16
CA SER A 280 -6.53 -12.91 10.99
C SER A 280 -4.99 -12.68 10.97
N PRO A 281 -4.43 -12.18 12.08
CA PRO A 281 -2.95 -11.99 12.11
C PRO A 281 -2.23 -13.31 11.90
N LYS A 282 -1.17 -13.26 11.12
CA LYS A 282 -0.44 -14.43 10.66
C LYS A 282 0.72 -14.76 11.63
N THR A 283 1.42 -15.87 11.38
CA THR A 283 2.50 -16.37 12.26
C THR A 283 3.85 -16.16 11.56
N PRO A 284 4.78 -15.42 12.20
CA PRO A 284 6.13 -15.26 11.60
C PRO A 284 6.93 -16.61 11.53
N ARG A 285 7.86 -16.68 10.57
CA ARG A 285 8.67 -17.90 10.33
C ARG A 285 10.11 -17.52 10.01
N PRO A 286 10.82 -16.88 10.98
CA PRO A 286 12.23 -16.46 10.77
C PRO A 286 13.16 -17.63 10.41
N GLY A 287 12.81 -18.85 10.80
CA GLY A 287 13.63 -20.01 10.44
C GLY A 287 13.42 -20.62 9.05
N LEU A 288 12.50 -20.06 8.26
CA LEU A 288 12.01 -20.66 7.01
C LEU A 288 12.05 -19.67 5.83
N GLU A 289 11.48 -18.48 6.09
CA GLU A 289 11.27 -17.40 5.10
C GLU A 289 12.47 -16.44 5.03
N HIS A 290 13.05 -16.34 3.84
CA HIS A 290 14.26 -15.55 3.62
C HIS A 290 14.20 -14.10 4.11
N HIS A 291 13.01 -13.51 3.98
CA HIS A 291 12.76 -12.14 4.37
C HIS A 291 12.24 -12.02 5.80
N HIS A 292 12.21 -13.10 6.57
CA HIS A 292 11.71 -13.07 7.96
C HIS A 292 12.92 -13.17 8.93
N HIS A 293 13.12 -12.15 9.76
CA HIS A 293 14.25 -11.99 10.70
C HIS A 293 13.93 -11.88 12.22
N HIS A 294 12.64 -11.95 12.54
CA HIS A 294 12.09 -11.76 13.90
C HIS A 294 10.97 -12.78 14.19
N HIS A 295 10.88 -13.22 15.45
CA HIS A 295 9.72 -13.97 15.93
C HIS A 295 8.68 -12.93 16.35
N GLY B 1 -17.14 -11.77 27.82
CA GLY B 1 -17.62 -12.76 26.81
C GLY B 1 -17.01 -14.14 26.95
N HIS B 2 -16.83 -14.81 25.82
CA HIS B 2 -16.20 -16.13 25.76
C HIS B 2 -14.79 -15.94 25.18
N PRO B 3 -14.25 -16.90 24.38
CA PRO B 3 -12.89 -16.56 23.87
C PRO B 3 -12.81 -15.36 22.92
N LEU B 4 -13.90 -15.03 22.22
CA LEU B 4 -13.90 -14.01 21.15
C LEU B 4 -14.05 -12.57 21.60
N GLU B 5 -14.18 -12.36 22.92
CA GLU B 5 -14.33 -11.01 23.49
C GLU B 5 -13.23 -10.02 23.06
N PHE B 6 -12.00 -10.49 22.94
CA PHE B 6 -10.86 -9.62 22.54
C PHE B 6 -11.01 -9.00 21.14
N LEU B 7 -11.98 -9.47 20.36
CA LEU B 7 -12.30 -8.84 19.09
C LEU B 7 -12.96 -7.49 19.33
N ARG B 8 -13.72 -7.36 20.42
CA ARG B 8 -14.70 -6.29 20.58
C ARG B 8 -14.19 -4.87 20.25
N ASN B 9 -13.08 -4.48 20.85
CA ASN B 9 -12.57 -3.10 20.73
C ASN B 9 -11.42 -2.93 19.73
N GLN B 10 -11.10 -3.97 18.96
CA GLN B 10 -10.09 -3.85 17.92
C GLN B 10 -10.63 -2.87 16.86
N PRO B 11 -9.81 -1.89 16.42
CA PRO B 11 -10.35 -0.97 15.42
C PRO B 11 -10.84 -1.64 14.12
N GLN B 12 -10.16 -2.69 13.64
CA GLN B 12 -10.64 -3.37 12.42
C GLN B 12 -11.99 -4.12 12.65
N PHE B 13 -12.26 -4.53 13.89
CA PHE B 13 -13.50 -5.28 14.19
C PHE B 13 -14.63 -4.30 14.44
N GLN B 14 -14.29 -3.12 14.97
CA GLN B 14 -15.23 -2.01 15.06
C GLN B 14 -15.69 -1.66 13.66
N GLN B 15 -14.75 -1.60 12.71
CA GLN B 15 -15.08 -1.43 11.29
C GLN B 15 -15.99 -2.55 10.74
N MET B 16 -15.68 -3.81 11.05
CA MET B 16 -16.49 -4.97 10.65
C MET B 16 -17.93 -4.93 11.22
N ARG B 17 -18.01 -4.64 12.52
CA ARG B 17 -19.28 -4.44 13.19
C ARG B 17 -20.12 -3.38 12.48
N GLN B 18 -19.52 -2.21 12.19
CA GLN B 18 -20.23 -1.16 11.43
C GLN B 18 -20.75 -1.64 10.07
N ILE B 19 -19.93 -2.38 9.33
CA ILE B 19 -20.31 -2.81 8.00
C ILE B 19 -21.45 -3.84 8.02
N ILE B 20 -21.41 -4.80 8.96
CA ILE B 20 -22.42 -5.84 9.08
C ILE B 20 -23.74 -5.21 9.54
N GLN B 21 -23.67 -4.20 10.42
CA GLN B 21 -24.87 -3.48 10.84
C GLN B 21 -25.56 -2.75 9.68
N GLN B 22 -24.79 -2.08 8.84
CA GLN B 22 -25.32 -1.38 7.65
C GLN B 22 -25.69 -2.32 6.50
N ASN B 23 -25.22 -3.56 6.56
CA ASN B 23 -25.38 -4.55 5.48
C ASN B 23 -25.58 -5.95 6.01
N PRO B 24 -26.70 -6.18 6.73
CA PRO B 24 -27.11 -7.50 7.25
C PRO B 24 -26.93 -8.69 6.26
N SER B 25 -27.23 -8.47 4.98
CA SER B 25 -27.12 -9.50 3.94
C SER B 25 -25.72 -10.06 3.71
N LEU B 26 -24.68 -9.33 4.18
CA LEU B 26 -23.29 -9.79 4.07
C LEU B 26 -22.92 -10.85 5.11
N LEU B 27 -23.84 -11.18 6.03
CA LEU B 27 -23.52 -12.12 7.10
C LEU B 27 -23.10 -13.50 6.57
N PRO B 28 -23.92 -14.15 5.70
CA PRO B 28 -23.48 -15.43 5.09
C PRO B 28 -22.11 -15.34 4.43
N ALA B 29 -21.89 -14.33 3.57
CA ALA B 29 -20.56 -14.07 2.95
C ALA B 29 -19.43 -13.83 3.98
N LEU B 30 -19.69 -13.12 5.06
CA LEU B 30 -18.70 -12.96 6.13
C LEU B 30 -18.31 -14.28 6.76
N LEU B 31 -19.31 -15.08 7.15
CA LEU B 31 -19.03 -16.35 7.77
C LEU B 31 -18.29 -17.28 6.83
N GLN B 32 -18.69 -17.29 5.57
CA GLN B 32 -17.98 -18.10 4.56
C GLN B 32 -16.49 -17.66 4.34
N GLN B 33 -16.21 -16.35 4.40
CA GLN B 33 -14.86 -15.81 4.23
C GLN B 33 -14.00 -16.11 5.45
N ILE B 34 -14.59 -15.99 6.63
CA ILE B 34 -13.95 -16.41 7.87
C ILE B 34 -13.50 -17.87 7.82
N GLY B 35 -14.40 -18.76 7.38
CA GLY B 35 -14.10 -20.16 7.17
C GLY B 35 -12.87 -20.39 6.30
N ARG B 36 -12.68 -19.55 5.28
CA ARG B 36 -11.55 -19.68 4.32
C ARG B 36 -10.22 -19.17 4.90
N GLU B 37 -10.28 -18.00 5.50
CA GLU B 37 -9.11 -17.22 5.90
C GLU B 37 -8.65 -17.59 7.32
N ASN B 38 -9.60 -17.95 8.17
CA ASN B 38 -9.34 -18.21 9.59
C ASN B 38 -10.31 -19.33 10.11
N PRO B 39 -10.05 -20.58 9.71
CA PRO B 39 -10.97 -21.68 10.09
C PRO B 39 -11.10 -21.88 11.61
N GLN B 40 -10.06 -21.58 12.36
CA GLN B 40 -10.08 -21.69 13.83
C GLN B 40 -10.99 -20.62 14.47
N LEU B 41 -10.97 -19.43 13.89
CA LEU B 41 -11.92 -18.41 14.29
C LEU B 41 -13.35 -18.91 13.95
N LEU B 42 -13.55 -19.51 12.78
CA LEU B 42 -14.92 -20.01 12.46
C LEU B 42 -15.34 -21.07 13.48
N GLN B 43 -14.41 -21.97 13.82
CA GLN B 43 -14.67 -23.05 14.75
C GLN B 43 -15.13 -22.42 16.06
N GLN B 44 -14.42 -21.38 16.53
CA GLN B 44 -14.82 -20.66 17.76
C GLN B 44 -16.21 -20.00 17.61
N ILE B 45 -16.46 -19.34 16.49
CA ILE B 45 -17.77 -18.76 16.24
C ILE B 45 -18.88 -19.85 16.32
N SER B 46 -18.67 -21.00 15.70
CA SER B 46 -19.67 -22.10 15.74
C SER B 46 -19.98 -22.61 17.14
N GLN B 47 -19.04 -22.48 18.07
CA GLN B 47 -19.29 -22.98 19.40
C GLN B 47 -20.10 -21.95 20.19
N HIS B 48 -20.03 -20.69 19.78
CA HIS B 48 -20.67 -19.58 20.52
C HIS B 48 -21.36 -18.60 19.57
N GLN B 49 -22.23 -19.11 18.70
CA GLN B 49 -22.80 -18.27 17.62
C GLN B 49 -23.50 -17.01 18.16
N GLU B 50 -24.21 -17.14 19.28
CA GLU B 50 -24.96 -15.98 19.83
C GLU B 50 -24.08 -14.81 20.24
N HIS B 51 -23.00 -15.13 20.95
CA HIS B 51 -22.03 -14.15 21.44
C HIS B 51 -21.40 -13.40 20.27
N PHE B 52 -20.94 -14.14 19.26
CA PHE B 52 -20.40 -13.50 18.06
C PHE B 52 -21.40 -12.57 17.39
N ILE B 53 -22.64 -13.03 17.26
CA ILE B 53 -23.69 -12.27 16.58
C ILE B 53 -24.06 -11.03 17.41
N GLN B 54 -24.12 -11.20 18.73
CA GLN B 54 -24.29 -10.10 19.67
C GLN B 54 -23.20 -9.02 19.49
N MET B 55 -21.96 -9.46 19.39
CA MET B 55 -20.85 -8.54 19.20
C MET B 55 -20.95 -7.78 17.88
N LEU B 56 -21.28 -8.49 16.80
CA LEU B 56 -21.38 -7.88 15.47
C LEU B 56 -22.43 -6.78 15.45
N ASN B 57 -23.51 -7.01 16.21
CA ASN B 57 -24.70 -6.14 16.26
C ASN B 57 -24.71 -5.08 17.36
N GLU B 58 -23.60 -4.93 18.10
CA GLU B 58 -23.46 -3.83 19.06
C GLU B 58 -22.99 -2.58 18.31
N PRO B 59 -23.79 -1.49 18.34
CA PRO B 59 -23.37 -0.23 17.73
C PRO B 59 -22.07 0.33 18.30
N VAL B 60 -21.35 1.02 17.43
CA VAL B 60 -20.12 1.74 17.79
C VAL B 60 -20.07 3.07 17.01
N GLY B 61 -19.53 4.10 17.63
CA GLY B 61 -19.41 5.43 16.99
C GLY B 61 -18.06 5.64 16.34
ZN ZN C . 33.97 17.92 -7.57
CL CL D . 5.16 -11.93 4.63
#